data_6MO8
#
_entry.id   6MO8
#
_cell.length_a   116.221
_cell.length_b   55.773
_cell.length_c   67.676
_cell.angle_alpha   90.00
_cell.angle_beta   94.38
_cell.angle_gamma   90.00
#
_symmetry.space_group_name_H-M   'C 1 2 1'
#
loop_
_entity.id
_entity.type
_entity.pdbx_description
1 polymer 'Bromodomain-containing protein 2'
2 non-polymer 5,7-bis(3,5-dimethyl-1,2-oxazol-4-yl)quinoline
3 non-polymer 'SULFATE ION'
4 water water
#
_entity_poly.entity_id   1
_entity_poly.type   'polypeptide(L)'
_entity_poly.pdbx_seq_one_letter_code
;SMKPGRVTNQLQYLHKVVMKALWKHQFAWPFRQPVDAVKLGLPDYHKIIKQPMDMGTIKRRLENNYYWAASECMQDFNTM
FTNCYIYNKPTDDIVLMAQTLEKIFLQKVASMPQEEQELVVTIPKN
;
_entity_poly.pdbx_strand_id   A,B,C
#
# COMPACT_ATOMS: atom_id res chain seq x y z
N ARG A 6 -14.78 12.88 2.68
CA ARG A 6 -13.50 13.52 2.36
C ARG A 6 -12.81 12.82 1.18
N VAL A 7 -12.05 13.59 0.41
CA VAL A 7 -11.38 13.07 -0.78
C VAL A 7 -9.96 13.62 -0.87
N THR A 8 -8.96 12.77 -0.67
CA THR A 8 -7.58 13.23 -0.59
C THR A 8 -6.64 12.51 -1.56
N ASN A 9 -5.46 13.09 -1.72
CA ASN A 9 -4.38 12.48 -2.46
C ASN A 9 -4.12 11.07 -1.91
N GLN A 10 -4.11 10.94 -0.60
CA GLN A 10 -3.85 9.66 0.05
C GLN A 10 -4.91 8.60 -0.26
N LEU A 11 -6.18 8.98 -0.20
CA LEU A 11 -7.26 8.03 -0.44
C LEU A 11 -7.29 7.60 -1.91
N GLN A 12 -6.91 8.51 -2.80
CA GLN A 12 -6.84 8.15 -4.22
C GLN A 12 -5.73 7.16 -4.47
N TYR A 13 -4.62 7.33 -3.75
CA TYR A 13 -3.53 6.37 -3.83
C TYR A 13 -4.00 5.02 -3.31
N LEU A 14 -4.67 5.02 -2.16
CA LEU A 14 -5.18 3.75 -1.63
C LEU A 14 -6.14 3.03 -2.59
N HIS A 15 -6.92 3.81 -3.33
CA HIS A 15 -7.86 3.24 -4.29
C HIS A 15 -7.18 2.83 -5.62
N LYS A 16 -6.42 3.74 -6.20
CA LYS A 16 -5.87 3.51 -7.54
C LYS A 16 -4.57 2.70 -7.56
N VAL A 17 -3.86 2.66 -6.44
CA VAL A 17 -2.59 1.92 -6.37
C VAL A 17 -2.74 0.67 -5.48
N VAL A 18 -3.18 0.87 -4.24
CA VAL A 18 -3.22 -0.25 -3.30
C VAL A 18 -4.38 -1.20 -3.62
N MET A 19 -5.60 -0.70 -3.62
CA MET A 19 -6.74 -1.54 -3.94
C MET A 19 -6.64 -2.13 -5.36
N LYS A 20 -6.17 -1.34 -6.32
CA LYS A 20 -6.04 -1.85 -7.68
C LYS A 20 -5.15 -3.10 -7.72
N ALA A 21 -3.99 -3.03 -7.08
CA ALA A 21 -3.04 -4.14 -7.02
C ALA A 21 -3.61 -5.34 -6.28
N LEU A 22 -4.25 -5.09 -5.13
CA LEU A 22 -4.77 -6.22 -4.34
C LEU A 22 -5.97 -6.92 -4.97
N TRP A 23 -6.90 -6.13 -5.51
CA TRP A 23 -8.16 -6.67 -6.01
C TRP A 23 -7.96 -7.67 -7.15
N LYS A 24 -6.99 -7.43 -8.03
CA LYS A 24 -6.82 -8.31 -9.18
C LYS A 24 -5.83 -9.45 -8.93
N HIS A 25 -5.22 -9.46 -7.76
CA HIS A 25 -4.25 -10.50 -7.43
C HIS A 25 -4.87 -11.89 -7.49
N GLN A 26 -4.09 -12.89 -7.89
CA GLN A 26 -4.61 -14.25 -8.03
C GLN A 26 -5.01 -14.91 -6.70
N PHE A 27 -4.55 -14.35 -5.59
CA PHE A 27 -4.93 -14.86 -4.27
C PHE A 27 -6.06 -14.03 -3.64
N ALA A 28 -6.58 -13.05 -4.37
CA ALA A 28 -7.56 -12.12 -3.78
C ALA A 28 -8.99 -12.66 -3.65
N TRP A 29 -9.33 -13.66 -4.46
CA TRP A 29 -10.75 -14.04 -4.56
C TRP A 29 -11.46 -14.35 -3.23
N PRO A 30 -10.78 -15.01 -2.27
CA PRO A 30 -11.54 -15.28 -1.04
C PRO A 30 -11.82 -14.01 -0.22
N PHE A 31 -11.15 -12.90 -0.54
CA PHE A 31 -11.28 -11.68 0.23
C PHE A 31 -12.15 -10.62 -0.47
N ARG A 32 -12.68 -10.93 -1.65
CA ARG A 32 -13.47 -9.93 -2.40
C ARG A 32 -14.90 -9.70 -1.89
N GLN A 33 -15.33 -10.51 -0.94
CA GLN A 33 -16.67 -10.37 -0.36
C GLN A 33 -16.61 -10.82 1.10
N PRO A 34 -17.62 -10.45 1.90
CA PRO A 34 -17.60 -10.90 3.29
C PRO A 34 -17.53 -12.41 3.40
N VAL A 35 -16.86 -12.89 4.44
CA VAL A 35 -16.88 -14.29 4.78
C VAL A 35 -18.33 -14.71 5.00
N ASP A 36 -18.76 -15.72 4.26
CA ASP A 36 -20.13 -16.23 4.40
C ASP A 36 -20.09 -17.49 5.27
N ALA A 37 -20.43 -17.36 6.56
CA ALA A 37 -20.26 -18.45 7.51
C ALA A 37 -21.20 -19.63 7.26
N VAL A 38 -22.32 -19.38 6.61
CA VAL A 38 -23.22 -20.48 6.26
C VAL A 38 -22.64 -21.29 5.09
N LYS A 39 -22.28 -20.58 4.03
CA LYS A 39 -21.66 -21.20 2.85
C LYS A 39 -20.42 -22.00 3.21
N LEU A 40 -19.56 -21.44 4.08
CA LEU A 40 -18.30 -22.09 4.46
C LEU A 40 -18.43 -23.05 5.63
N GLY A 41 -19.60 -23.10 6.26
CA GLY A 41 -19.81 -24.03 7.36
C GLY A 41 -18.99 -23.71 8.60
N LEU A 42 -19.04 -22.44 9.02
CA LEU A 42 -18.27 -21.95 10.15
C LEU A 42 -19.17 -21.29 11.17
N PRO A 43 -19.91 -22.09 11.94
CA PRO A 43 -20.94 -21.55 12.85
C PRO A 43 -20.37 -20.66 13.96
N ASP A 44 -19.07 -20.75 14.20
CA ASP A 44 -18.45 -19.94 15.24
C ASP A 44 -17.74 -18.71 14.70
N TYR A 45 -17.77 -18.50 13.39
CA TYR A 45 -17.03 -17.37 12.81
C TYR A 45 -17.36 -16.02 13.46
N HIS A 46 -18.65 -15.71 13.60
CA HIS A 46 -19.05 -14.42 14.13
C HIS A 46 -18.98 -14.35 15.65
N LYS A 47 -18.76 -15.50 16.28
CA LYS A 47 -18.48 -15.54 17.72
C LYS A 47 -17.06 -15.05 17.96
N ILE A 48 -16.16 -15.41 17.05
CA ILE A 48 -14.74 -15.13 17.22
C ILE A 48 -14.34 -13.79 16.59
N ILE A 49 -14.87 -13.54 15.39
CA ILE A 49 -14.57 -12.31 14.66
C ILE A 49 -15.72 -11.32 14.81
N LYS A 50 -15.47 -10.27 15.59
CA LYS A 50 -16.51 -9.32 15.97
C LYS A 50 -16.69 -8.19 14.96
N GLN A 51 -15.65 -7.95 14.16
CA GLN A 51 -15.71 -6.93 13.14
C GLN A 51 -15.26 -7.47 11.79
N PRO A 52 -16.16 -8.13 11.06
CA PRO A 52 -15.80 -8.67 9.75
C PRO A 52 -15.38 -7.55 8.79
N MET A 53 -14.47 -7.84 7.87
CA MET A 53 -14.06 -6.84 6.89
C MET A 53 -13.56 -7.59 5.66
N ASP A 54 -13.74 -7.00 4.49
CA ASP A 54 -13.33 -7.63 3.23
C ASP A 54 -13.01 -6.55 2.20
N MET A 55 -12.38 -6.92 1.10
N MET A 55 -12.38 -6.94 1.10
CA MET A 55 -11.98 -5.90 0.12
CA MET A 55 -11.97 -5.98 0.08
C MET A 55 -13.14 -5.34 -0.70
C MET A 55 -13.16 -5.32 -0.60
N GLY A 56 -14.22 -6.10 -0.82
CA GLY A 56 -15.41 -5.59 -1.49
C GLY A 56 -15.97 -4.40 -0.74
N THR A 57 -16.10 -4.56 0.58
CA THR A 57 -16.52 -3.47 1.44
C THR A 57 -15.57 -2.26 1.41
N ILE A 58 -14.27 -2.51 1.45
CA ILE A 58 -13.31 -1.41 1.42
C ILE A 58 -13.41 -0.67 0.08
N LYS A 59 -13.50 -1.44 -1.00
CA LYS A 59 -13.60 -0.85 -2.34
C LYS A 59 -14.84 0.02 -2.48
N ARG A 60 -15.96 -0.47 -1.99
CA ARG A 60 -17.21 0.27 -2.01
C ARG A 60 -17.08 1.57 -1.23
N ARG A 61 -16.47 1.48 -0.04
CA ARG A 61 -16.22 2.67 0.76
C ARG A 61 -15.33 3.69 0.07
N LEU A 62 -14.31 3.21 -0.65
CA LEU A 62 -13.43 4.11 -1.38
C LEU A 62 -14.20 4.75 -2.54
N GLU A 63 -14.99 3.95 -3.24
CA GLU A 63 -15.79 4.45 -4.35
C GLU A 63 -16.84 5.46 -3.92
N ASN A 64 -17.33 5.34 -2.69
CA ASN A 64 -18.41 6.21 -2.21
C ASN A 64 -17.96 7.30 -1.24
N ASN A 65 -16.66 7.56 -1.22
CA ASN A 65 -16.09 8.62 -0.37
C ASN A 65 -16.48 8.48 1.09
N TYR A 66 -16.50 7.24 1.57
CA TYR A 66 -16.84 6.93 2.96
C TYR A 66 -15.77 7.40 3.94
N TYR A 67 -14.51 7.24 3.56
CA TYR A 67 -13.40 7.50 4.48
C TYR A 67 -13.08 8.99 4.63
N TRP A 68 -12.69 9.39 5.84
CA TRP A 68 -12.32 10.78 6.11
C TRP A 68 -10.80 10.95 6.23
N ALA A 69 -10.08 9.85 6.41
CA ALA A 69 -8.63 9.88 6.49
C ALA A 69 -8.04 8.58 5.97
N ALA A 70 -6.84 8.63 5.41
CA ALA A 70 -6.20 7.43 4.86
C ALA A 70 -6.04 6.35 5.94
N SER A 71 -5.66 6.77 7.14
CA SER A 71 -5.47 5.81 8.24
C SER A 71 -6.73 4.97 8.50
N GLU A 72 -7.90 5.54 8.25
CA GLU A 72 -9.14 4.81 8.46
C GLU A 72 -9.29 3.63 7.50
N CYS A 73 -8.97 3.87 6.24
CA CYS A 73 -9.01 2.84 5.21
C CYS A 73 -7.92 1.80 5.51
N MET A 74 -6.75 2.28 5.90
CA MET A 74 -5.66 1.37 6.25
C MET A 74 -6.04 0.43 7.39
N GLN A 75 -6.79 0.95 8.36
CA GLN A 75 -7.23 0.12 9.47
C GLN A 75 -8.21 -0.95 9.01
N ASP A 76 -9.04 -0.67 8.00
CA ASP A 76 -9.94 -1.70 7.47
C ASP A 76 -9.17 -2.82 6.78
N PHE A 77 -8.17 -2.46 5.96
CA PHE A 77 -7.29 -3.47 5.38
C PHE A 77 -6.69 -4.30 6.50
N ASN A 78 -6.16 -3.61 7.51
CA ASN A 78 -5.55 -4.30 8.62
C ASN A 78 -6.51 -5.27 9.31
N THR A 79 -7.72 -4.79 9.61
CA THR A 79 -8.72 -5.66 10.24
C THR A 79 -9.03 -6.93 9.41
N MET A 80 -9.16 -6.75 8.11
CA MET A 80 -9.41 -7.88 7.22
C MET A 80 -8.33 -8.95 7.37
N PHE A 81 -7.07 -8.54 7.34
CA PHE A 81 -5.97 -9.51 7.41
C PHE A 81 -5.90 -10.09 8.81
N THR A 82 -6.01 -9.23 9.82
CA THR A 82 -5.94 -9.70 11.19
C THR A 82 -7.05 -10.72 11.52
N ASN A 83 -8.28 -10.45 11.10
CA ASN A 83 -9.37 -11.42 11.30
C ASN A 83 -8.96 -12.79 10.78
N CYS A 84 -8.35 -12.80 9.61
CA CYS A 84 -7.96 -14.04 8.96
C CYS A 84 -6.93 -14.81 9.80
N TYR A 85 -5.93 -14.10 10.30
CA TYR A 85 -4.88 -14.74 11.11
C TYR A 85 -5.42 -15.25 12.43
N ILE A 86 -6.36 -14.51 13.01
CA ILE A 86 -6.92 -14.89 14.31
C ILE A 86 -7.85 -16.11 14.18
N TYR A 87 -8.68 -16.11 13.15
CA TYR A 87 -9.70 -17.16 13.05
C TYR A 87 -9.14 -18.51 12.60
N ASN A 88 -8.24 -18.47 11.61
CA ASN A 88 -7.84 -19.69 10.94
C ASN A 88 -6.68 -20.43 11.62
N LYS A 89 -6.51 -21.69 11.28
CA LYS A 89 -5.39 -22.48 11.79
C LYS A 89 -4.10 -22.02 11.14
N PRO A 90 -2.97 -22.11 11.86
CA PRO A 90 -1.67 -21.68 11.35
C PRO A 90 -1.33 -22.31 10.01
N THR A 91 -1.79 -23.54 9.79
CA THR A 91 -1.49 -24.29 8.57
C THR A 91 -2.45 -24.07 7.39
N ASP A 92 -3.50 -23.28 7.58
CA ASP A 92 -4.50 -23.11 6.53
C ASP A 92 -3.92 -22.31 5.37
N ASP A 93 -4.22 -22.74 4.14
CA ASP A 93 -3.77 -22.00 2.96
C ASP A 93 -4.21 -20.54 2.95
N ILE A 94 -5.37 -20.24 3.53
CA ILE A 94 -5.88 -18.87 3.50
C ILE A 94 -4.89 -17.93 4.20
N VAL A 95 -4.20 -18.44 5.22
CA VAL A 95 -3.23 -17.62 5.93
C VAL A 95 -2.08 -17.21 5.00
N LEU A 96 -1.61 -18.14 4.18
N LEU A 96 -1.61 -18.14 4.18
CA LEU A 96 -0.55 -17.85 3.22
CA LEU A 96 -0.55 -17.84 3.21
C LEU A 96 -1.01 -16.82 2.19
C LEU A 96 -1.01 -16.81 2.20
N MET A 97 -2.25 -16.95 1.73
CA MET A 97 -2.83 -16.01 0.78
C MET A 97 -2.91 -14.61 1.40
N ALA A 98 -3.44 -14.53 2.63
CA ALA A 98 -3.45 -13.26 3.36
C ALA A 98 -2.07 -12.61 3.52
N GLN A 99 -1.07 -13.40 3.93
N GLN A 99 -1.08 -13.39 3.94
CA GLN A 99 0.28 -12.87 4.10
CA GLN A 99 0.27 -12.85 4.10
C GLN A 99 0.79 -12.27 2.79
C GLN A 99 0.82 -12.30 2.79
N THR A 100 0.56 -12.99 1.68
CA THR A 100 0.99 -12.52 0.37
C THR A 100 0.39 -11.16 0.00
N LEU A 101 -0.91 -11.02 0.23
CA LEU A 101 -1.61 -9.79 -0.08
C LEU A 101 -1.18 -8.66 0.84
N GLU A 102 -1.00 -8.99 2.12
CA GLU A 102 -0.60 -7.99 3.09
C GLU A 102 0.82 -7.46 2.83
N LYS A 103 1.70 -8.34 2.35
CA LYS A 103 3.04 -7.93 1.98
C LYS A 103 2.94 -6.85 0.91
N ILE A 104 2.09 -7.07 -0.08
CA ILE A 104 1.89 -6.09 -1.15
C ILE A 104 1.27 -4.81 -0.59
N PHE A 105 0.29 -4.96 0.28
CA PHE A 105 -0.32 -3.83 0.95
C PHE A 105 0.77 -2.96 1.60
N LEU A 106 1.67 -3.56 2.38
CA LEU A 106 2.68 -2.77 3.08
C LEU A 106 3.67 -2.14 2.11
N GLN A 107 4.05 -2.88 1.07
CA GLN A 107 5.00 -2.36 0.11
C GLN A 107 4.42 -1.13 -0.55
N LYS A 108 3.14 -1.18 -0.92
CA LYS A 108 2.52 -0.03 -1.56
C LYS A 108 2.32 1.13 -0.58
N VAL A 109 1.95 0.82 0.66
CA VAL A 109 1.71 1.85 1.66
C VAL A 109 2.99 2.62 2.02
N ALA A 110 4.14 1.97 1.92
CA ALA A 110 5.42 2.62 2.20
C ALA A 110 5.68 3.79 1.23
N SER A 111 4.98 3.79 0.10
CA SER A 111 5.14 4.86 -0.88
C SER A 111 3.93 5.80 -1.02
N MET A 112 2.97 5.69 -0.11
CA MET A 112 1.79 6.57 -0.11
C MET A 112 2.18 8.02 0.22
N PRO A 113 1.49 9.00 -0.40
CA PRO A 113 1.76 10.41 -0.09
C PRO A 113 1.63 10.67 1.40
N GLN A 114 2.50 11.52 1.95
CA GLN A 114 2.67 11.61 3.40
C GLN A 114 1.67 12.55 4.07
N GLU A 115 1.32 13.64 3.37
CA GLU A 115 0.39 14.63 3.91
C GLU A 115 -0.97 14.53 3.26
N GLU A 116 -2.01 14.43 4.08
CA GLU A 116 -3.36 14.30 3.56
C GLU A 116 -3.83 15.59 2.89
N GLN A 117 -3.57 15.70 1.60
CA GLN A 117 -3.98 16.84 0.80
C GLN A 117 -5.43 16.65 0.37
N GLU A 118 -6.37 17.11 1.19
CA GLU A 118 -7.78 17.05 0.84
C GLU A 118 -8.01 17.85 -0.45
N LEU A 119 -8.85 17.34 -1.32
CA LEU A 119 -9.05 17.94 -2.64
C LEU A 119 -10.50 18.37 -2.84
N THR B 8 18.06 5.79 5.38
CA THR B 8 17.22 6.68 4.60
C THR B 8 16.36 7.53 5.51
N ASN B 9 15.66 8.50 4.90
CA ASN B 9 14.77 9.37 5.65
C ASN B 9 13.62 8.57 6.27
N GLN B 10 13.12 7.59 5.52
CA GLN B 10 12.03 6.74 5.97
C GLN B 10 12.45 5.82 7.12
N LEU B 11 13.61 5.17 6.99
CA LEU B 11 14.11 4.31 8.06
C LEU B 11 14.36 5.11 9.33
N GLN B 12 14.86 6.33 9.16
N GLN B 12 14.86 6.33 9.16
CA GLN B 12 15.09 7.24 10.28
CA GLN B 12 15.09 7.24 10.28
C GLN B 12 13.76 7.56 10.97
C GLN B 12 13.76 7.56 10.97
N TYR B 13 12.72 7.74 10.17
CA TYR B 13 11.38 7.98 10.69
C TYR B 13 10.84 6.72 11.40
N LEU B 14 11.06 5.55 10.81
CA LEU B 14 10.59 4.33 11.46
C LEU B 14 11.28 4.12 12.81
N HIS B 15 12.53 4.57 12.90
CA HIS B 15 13.34 4.36 14.10
C HIS B 15 12.99 5.36 15.19
N LYS B 16 13.04 6.65 14.84
CA LYS B 16 12.95 7.71 15.83
C LYS B 16 11.53 8.18 16.12
N VAL B 17 10.60 7.85 15.23
CA VAL B 17 9.21 8.28 15.43
C VAL B 17 8.33 7.07 15.75
N VAL B 18 8.25 6.13 14.82
CA VAL B 18 7.37 4.97 14.96
C VAL B 18 7.82 4.03 16.08
N MET B 19 9.05 3.53 15.98
CA MET B 19 9.52 2.57 16.99
C MET B 19 9.55 3.19 18.38
N LYS B 20 10.02 4.43 18.48
N LYS B 20 10.02 4.43 18.49
CA LYS B 20 10.12 5.10 19.77
CA LYS B 20 10.10 5.06 19.80
C LYS B 20 8.75 5.13 20.47
C LYS B 20 8.73 5.08 20.47
N ALA B 21 7.72 5.47 19.71
CA ALA B 21 6.35 5.52 20.22
C ALA B 21 5.79 4.16 20.64
N LEU B 22 5.96 3.15 19.78
CA LEU B 22 5.51 1.82 20.13
C LEU B 22 6.25 1.27 21.34
N TRP B 23 7.56 1.48 21.37
CA TRP B 23 8.40 0.88 22.39
C TRP B 23 7.96 1.23 23.83
N LYS B 24 7.59 2.49 24.02
CA LYS B 24 7.27 2.97 25.36
C LYS B 24 5.81 2.71 25.75
N HIS B 25 5.02 2.18 24.82
CA HIS B 25 3.60 1.94 25.09
C HIS B 25 3.40 0.94 26.22
N GLN B 26 2.32 1.10 26.97
CA GLN B 26 2.09 0.26 28.15
C GLN B 26 1.85 -1.21 27.80
N PHE B 27 1.53 -1.49 26.54
CA PHE B 27 1.29 -2.86 26.10
C PHE B 27 2.51 -3.44 25.37
N ALA B 28 3.60 -2.67 25.27
CA ALA B 28 4.75 -3.07 24.46
C ALA B 28 5.67 -4.09 25.11
N TRP B 29 5.68 -4.19 26.44
CA TRP B 29 6.71 -4.99 27.10
C TRP B 29 6.88 -6.45 26.59
N PRO B 30 5.79 -7.15 26.22
CA PRO B 30 6.04 -8.53 25.78
C PRO B 30 6.69 -8.59 24.41
N PHE B 31 6.71 -7.46 23.71
CA PHE B 31 7.22 -7.41 22.34
C PHE B 31 8.65 -6.87 22.20
N ARG B 32 9.28 -6.46 23.29
CA ARG B 32 10.59 -5.81 23.22
C ARG B 32 11.77 -6.78 23.10
N GLN B 33 11.48 -8.07 23.21
CA GLN B 33 12.50 -9.11 23.05
C GLN B 33 11.86 -10.34 22.43
N PRO B 34 12.68 -11.28 21.93
CA PRO B 34 12.10 -12.48 21.33
C PRO B 34 11.25 -13.26 22.32
N VAL B 35 10.21 -13.89 21.81
CA VAL B 35 9.44 -14.84 22.61
C VAL B 35 10.40 -15.91 23.13
N ASP B 36 10.37 -16.13 24.45
CA ASP B 36 11.22 -17.15 25.07
C ASP B 36 10.33 -18.35 25.40
N ALA B 37 10.33 -19.33 24.49
CA ALA B 37 9.40 -20.45 24.58
C ALA B 37 9.64 -21.34 25.79
N VAL B 38 10.91 -21.49 26.15
CA VAL B 38 11.27 -22.25 27.35
C VAL B 38 10.69 -21.60 28.59
N LYS B 39 11.02 -20.33 28.79
CA LYS B 39 10.55 -19.60 29.97
C LYS B 39 9.02 -19.56 30.04
N LEU B 40 8.36 -19.44 28.89
CA LEU B 40 6.90 -19.36 28.85
C LEU B 40 6.22 -20.72 28.79
N GLY B 41 7.01 -21.79 28.71
CA GLY B 41 6.46 -23.13 28.62
C GLY B 41 5.56 -23.33 27.41
N LEU B 42 6.08 -22.95 26.25
CA LEU B 42 5.37 -23.11 24.97
C LEU B 42 6.21 -23.96 24.02
N PRO B 43 6.25 -25.28 24.27
CA PRO B 43 7.14 -26.17 23.52
C PRO B 43 6.76 -26.30 22.05
N ASP B 44 5.56 -25.85 21.69
CA ASP B 44 5.14 -25.89 20.30
C ASP B 44 5.37 -24.58 19.55
N TYR B 45 5.87 -23.55 20.25
CA TYR B 45 6.01 -22.23 19.64
C TYR B 45 6.81 -22.25 18.34
N HIS B 46 8.02 -22.79 18.40
CA HIS B 46 8.87 -22.80 17.22
C HIS B 46 8.47 -23.82 16.17
N LYS B 47 7.57 -24.74 16.52
CA LYS B 47 7.02 -25.66 15.54
C LYS B 47 5.96 -24.96 14.70
N ILE B 48 5.41 -23.88 15.23
CA ILE B 48 4.32 -23.15 14.56
C ILE B 48 4.82 -21.87 13.91
N ILE B 49 5.64 -21.14 14.63
CA ILE B 49 6.19 -19.86 14.17
C ILE B 49 7.60 -20.09 13.65
N LYS B 50 7.76 -19.94 12.34
CA LYS B 50 9.02 -20.28 11.67
C LYS B 50 9.96 -19.09 11.48
N GLN B 51 9.44 -17.88 11.52
N GLN B 51 9.42 -17.88 11.56
CA GLN B 51 10.31 -16.71 11.52
CA GLN B 51 10.22 -16.67 11.51
C GLN B 51 9.95 -15.75 12.65
C GLN B 51 9.88 -15.76 12.68
N PRO B 52 10.46 -16.04 13.85
CA PRO B 52 10.23 -15.19 15.03
C PRO B 52 10.69 -13.76 14.77
N MET B 53 10.00 -12.79 15.36
CA MET B 53 10.38 -11.40 15.21
C MET B 53 9.85 -10.64 16.44
N ASP B 54 10.55 -9.57 16.80
CA ASP B 54 10.23 -8.78 17.98
C ASP B 54 10.81 -7.39 17.76
N MET B 55 10.35 -6.40 18.53
N MET B 55 10.35 -6.40 18.53
CA MET B 55 10.81 -5.04 18.33
CA MET B 55 10.81 -5.03 18.32
C MET B 55 12.29 -4.83 18.69
C MET B 55 12.29 -4.83 18.69
N GLY B 56 12.81 -5.64 19.60
CA GLY B 56 14.21 -5.55 19.98
C GLY B 56 15.11 -5.84 18.78
N THR B 57 14.78 -6.92 18.09
CA THR B 57 15.47 -7.31 16.86
C THR B 57 15.35 -6.25 15.76
N ILE B 58 14.14 -5.73 15.53
CA ILE B 58 13.94 -4.65 14.57
C ILE B 58 14.74 -3.40 14.92
N LYS B 59 14.75 -3.05 16.21
CA LYS B 59 15.49 -1.88 16.69
C LYS B 59 16.98 -2.05 16.43
N ARG B 60 17.51 -3.22 16.73
CA ARG B 60 18.92 -3.50 16.48
C ARG B 60 19.22 -3.39 14.99
N ARG B 61 18.31 -3.89 14.16
CA ARG B 61 18.50 -3.84 12.71
C ARG B 61 18.51 -2.42 12.18
N LEU B 62 17.63 -1.58 12.72
CA LEU B 62 17.63 -0.16 12.36
C LEU B 62 18.96 0.50 12.78
N GLU B 63 19.42 0.17 13.99
CA GLU B 63 20.68 0.72 14.52
C GLU B 63 21.93 0.30 13.71
N ASN B 64 21.90 -0.92 13.18
CA ASN B 64 23.04 -1.42 12.42
C ASN B 64 22.94 -1.23 10.91
N ASN B 65 22.02 -0.37 10.48
CA ASN B 65 21.79 -0.15 9.06
C ASN B 65 21.57 -1.44 8.28
N TYR B 66 20.79 -2.35 8.83
CA TYR B 66 20.53 -3.64 8.20
C TYR B 66 19.58 -3.53 7.02
N TYR B 67 18.60 -2.63 7.12
CA TYR B 67 17.59 -2.48 6.09
C TYR B 67 18.08 -1.63 4.93
N TRP B 68 17.68 -2.02 3.72
CA TRP B 68 17.94 -1.25 2.52
C TRP B 68 16.78 -0.30 2.23
N ALA B 69 15.58 -0.68 2.66
CA ALA B 69 14.38 0.10 2.39
C ALA B 69 13.38 0.04 3.55
N ALA B 70 12.59 1.11 3.67
CA ALA B 70 11.56 1.20 4.72
C ALA B 70 10.59 0.02 4.71
N SER B 71 10.21 -0.43 3.51
N SER B 71 10.21 -0.43 3.51
CA SER B 71 9.26 -1.53 3.37
CA SER B 71 9.25 -1.53 3.40
C SER B 71 9.77 -2.79 4.07
C SER B 71 9.75 -2.82 4.05
N GLU B 72 11.07 -3.03 4.00
CA GLU B 72 11.67 -4.20 4.61
C GLU B 72 11.47 -4.21 6.12
N CYS B 73 11.63 -3.04 6.72
CA CYS B 73 11.43 -2.87 8.15
C CYS B 73 9.96 -3.01 8.50
N MET B 74 9.09 -2.41 7.70
CA MET B 74 7.65 -2.57 7.89
C MET B 74 7.22 -4.04 7.82
N GLN B 75 7.87 -4.80 6.94
N GLN B 75 7.85 -4.80 6.93
CA GLN B 75 7.56 -6.22 6.83
CA GLN B 75 7.54 -6.23 6.85
C GLN B 75 7.91 -6.97 8.11
C GLN B 75 7.89 -6.96 8.13
N ASP B 76 8.98 -6.55 8.78
CA ASP B 76 9.37 -7.19 10.03
C ASP B 76 8.36 -6.85 11.12
N PHE B 77 7.94 -5.59 11.20
CA PHE B 77 6.88 -5.26 12.15
C PHE B 77 5.67 -6.16 11.90
N ASN B 78 5.32 -6.32 10.62
CA ASN B 78 4.15 -7.10 10.26
C ASN B 78 4.31 -8.56 10.67
N THR B 79 5.48 -9.12 10.45
CA THR B 79 5.72 -10.50 10.87
C THR B 79 5.55 -10.67 12.38
N MET B 80 6.09 -9.73 13.14
CA MET B 80 5.92 -9.78 14.60
C MET B 80 4.44 -9.85 14.99
N PHE B 81 3.61 -8.98 14.43
CA PHE B 81 2.17 -8.97 14.80
C PHE B 81 1.47 -10.24 14.29
N THR B 82 1.76 -10.60 13.05
N THR B 82 1.75 -10.61 13.04
CA THR B 82 1.12 -11.77 12.43
CA THR B 82 1.12 -11.78 12.44
C THR B 82 1.42 -13.04 13.22
C THR B 82 1.44 -13.07 13.20
N ASN B 83 2.68 -13.18 13.68
CA ASN B 83 3.09 -14.35 14.45
C ASN B 83 2.19 -14.45 15.69
N CYS B 84 2.00 -13.31 16.32
CA CYS B 84 1.18 -13.24 17.53
C CYS B 84 -0.26 -13.70 17.26
N TYR B 85 -0.84 -13.23 16.17
CA TYR B 85 -2.22 -13.63 15.84
C TYR B 85 -2.32 -15.10 15.46
N ILE B 86 -1.30 -15.62 14.80
CA ILE B 86 -1.36 -16.98 14.30
C ILE B 86 -1.20 -18.00 15.42
N TYR B 87 -0.27 -17.72 16.34
CA TYR B 87 0.06 -18.68 17.39
C TYR B 87 -0.96 -18.71 18.53
N ASN B 88 -1.43 -17.54 18.94
CA ASN B 88 -2.24 -17.43 20.16
C ASN B 88 -3.72 -17.70 19.96
N LYS B 89 -4.41 -18.00 21.07
CA LYS B 89 -5.86 -18.16 21.02
C LYS B 89 -6.49 -16.79 20.80
N PRO B 90 -7.61 -16.75 20.07
CA PRO B 90 -8.26 -15.47 19.78
C PRO B 90 -8.55 -14.67 21.04
N THR B 91 -8.82 -15.37 22.13
CA THR B 91 -9.23 -14.75 23.40
C THR B 91 -8.07 -14.33 24.29
N ASP B 92 -6.83 -14.65 23.91
CA ASP B 92 -5.67 -14.26 24.73
C ASP B 92 -5.47 -12.76 24.79
N ASP B 93 -5.11 -12.24 25.98
CA ASP B 93 -4.82 -10.82 26.14
C ASP B 93 -3.73 -10.32 25.18
N ILE B 94 -2.73 -11.15 24.90
CA ILE B 94 -1.62 -10.70 24.06
C ILE B 94 -2.14 -10.29 22.68
N VAL B 95 -3.20 -10.93 22.23
CA VAL B 95 -3.80 -10.57 20.95
C VAL B 95 -4.35 -9.14 20.94
N LEU B 96 -5.03 -8.78 22.02
N LEU B 96 -5.04 -8.76 22.01
CA LEU B 96 -5.56 -7.42 22.18
CA LEU B 96 -5.55 -7.39 22.12
C LEU B 96 -4.42 -6.42 22.21
C LEU B 96 -4.40 -6.40 22.18
N MET B 97 -3.35 -6.78 22.90
CA MET B 97 -2.19 -5.90 23.05
C MET B 97 -1.53 -5.69 21.69
N ALA B 98 -1.38 -6.77 20.92
CA ALA B 98 -0.85 -6.68 19.56
C ALA B 98 -1.71 -5.77 18.66
N GLN B 99 -3.02 -5.99 18.67
CA GLN B 99 -3.94 -5.17 17.86
C GLN B 99 -3.80 -3.68 18.18
N THR B 100 -3.70 -3.35 19.47
CA THR B 100 -3.55 -1.97 19.87
C THR B 100 -2.27 -1.34 19.33
N LEU B 101 -1.16 -2.06 19.47
CA LEU B 101 0.12 -1.59 18.97
C LEU B 101 0.13 -1.50 17.44
N GLU B 102 -0.49 -2.49 16.81
CA GLU B 102 -0.51 -2.54 15.35
C GLU B 102 -1.28 -1.34 14.79
N LYS B 103 -2.38 -0.96 15.44
CA LYS B 103 -3.14 0.20 14.98
C LYS B 103 -2.30 1.48 15.08
N ILE B 104 -1.49 1.61 16.13
CA ILE B 104 -0.60 2.75 16.28
C ILE B 104 0.46 2.78 15.19
N PHE B 105 1.05 1.61 14.95
CA PHE B 105 2.02 1.43 13.87
C PHE B 105 1.46 1.97 12.55
N LEU B 106 0.24 1.57 12.19
CA LEU B 106 -0.32 2.00 10.92
C LEU B 106 -0.63 3.49 10.87
N GLN B 107 -1.12 4.02 12.00
N GLN B 107 -1.11 4.03 12.00
CA GLN B 107 -1.39 5.44 12.10
CA GLN B 107 -1.40 5.45 12.10
C GLN B 107 -0.12 6.24 11.83
C GLN B 107 -0.13 6.27 11.87
N LYS B 108 0.97 5.84 12.48
CA LYS B 108 2.22 6.56 12.34
C LYS B 108 2.83 6.36 10.96
N VAL B 109 2.65 5.17 10.40
CA VAL B 109 3.13 4.88 9.04
C VAL B 109 2.46 5.74 7.96
N ALA B 110 1.21 6.13 8.19
CA ALA B 110 0.48 6.98 7.26
C ALA B 110 1.15 8.36 7.11
N SER B 111 1.98 8.72 8.09
CA SER B 111 2.63 10.03 8.09
C SER B 111 4.10 9.97 7.70
N MET B 112 4.59 8.78 7.38
CA MET B 112 5.98 8.62 6.97
C MET B 112 6.28 9.41 5.70
N PRO B 113 7.45 10.04 5.65
CA PRO B 113 7.89 10.78 4.45
C PRO B 113 7.81 9.90 3.20
N GLN B 114 7.37 10.50 2.10
CA GLN B 114 7.13 9.76 0.87
C GLN B 114 8.41 9.18 0.28
N THR C 8 10.29 3.02 -37.86
CA THR C 8 9.67 2.84 -36.54
C THR C 8 10.72 2.74 -35.45
N ASN C 9 11.98 3.03 -35.79
CA ASN C 9 13.05 2.95 -34.81
C ASN C 9 12.85 3.93 -33.66
N GLN C 10 12.46 5.16 -33.97
CA GLN C 10 12.19 6.15 -32.92
C GLN C 10 10.96 5.76 -32.11
N LEU C 11 9.91 5.33 -32.81
CA LEU C 11 8.67 4.95 -32.13
C LEU C 11 8.83 3.68 -31.31
N GLN C 12 9.63 2.75 -31.81
CA GLN C 12 9.95 1.55 -31.05
C GLN C 12 10.66 1.94 -29.75
N TYR C 13 11.55 2.93 -29.85
CA TYR C 13 12.27 3.43 -28.69
C TYR C 13 11.32 4.07 -27.68
N LEU C 14 10.48 4.99 -28.18
CA LEU C 14 9.49 5.63 -27.34
C LEU C 14 8.61 4.61 -26.62
N HIS C 15 8.30 3.51 -27.31
CA HIS C 15 7.47 2.48 -26.70
C HIS C 15 8.24 1.58 -25.74
N LYS C 16 9.28 0.92 -26.26
CA LYS C 16 10.00 -0.11 -25.52
C LYS C 16 10.95 0.44 -24.46
N VAL C 17 11.32 1.72 -24.58
CA VAL C 17 12.21 2.33 -23.59
C VAL C 17 11.55 3.44 -22.78
N VAL C 18 11.09 4.50 -23.47
CA VAL C 18 10.51 5.64 -22.79
C VAL C 18 9.24 5.25 -22.01
N MET C 19 8.21 4.79 -22.72
CA MET C 19 6.97 4.42 -22.05
C MET C 19 7.18 3.31 -21.02
N LYS C 20 8.01 2.32 -21.34
CA LYS C 20 8.29 1.27 -20.37
C LYS C 20 8.70 1.85 -19.02
N ALA C 21 9.63 2.79 -19.03
CA ALA C 21 10.13 3.40 -17.81
C ALA C 21 9.10 4.30 -17.13
N LEU C 22 8.39 5.11 -17.92
CA LEU C 22 7.41 6.03 -17.34
C LEU C 22 6.19 5.31 -16.76
N TRP C 23 5.71 4.30 -17.48
CA TRP C 23 4.51 3.58 -17.08
C TRP C 23 4.63 2.93 -15.69
N LYS C 24 5.82 2.38 -15.39
CA LYS C 24 6.01 1.68 -14.13
C LYS C 24 6.50 2.58 -13.00
N HIS C 25 6.79 3.83 -13.32
CA HIS C 25 7.30 4.77 -12.33
C HIS C 25 6.28 4.93 -11.21
N GLN C 26 6.75 5.16 -9.99
CA GLN C 26 5.85 5.27 -8.83
C GLN C 26 4.88 6.45 -8.92
N PHE C 27 5.22 7.45 -9.75
CA PHE C 27 4.37 8.63 -9.91
C PHE C 27 3.42 8.56 -11.11
N ALA C 28 3.44 7.45 -11.84
CA ALA C 28 2.65 7.32 -13.06
C ALA C 28 1.13 7.23 -12.82
N TRP C 29 0.72 6.68 -11.68
CA TRP C 29 -0.67 6.27 -11.50
C TRP C 29 -1.77 7.30 -11.85
N PRO C 30 -1.60 8.57 -11.47
CA PRO C 30 -2.65 9.53 -11.86
C PRO C 30 -2.72 9.76 -13.37
N PHE C 31 -1.68 9.39 -14.10
CA PHE C 31 -1.58 9.68 -15.52
C PHE C 31 -1.93 8.47 -16.39
N ARG C 32 -2.25 7.34 -15.76
CA ARG C 32 -2.43 6.10 -16.53
C ARG C 32 -3.77 5.98 -17.25
N GLN C 33 -4.67 6.92 -16.99
CA GLN C 33 -5.96 6.95 -17.67
C GLN C 33 -6.38 8.40 -17.82
N PRO C 34 -7.37 8.67 -18.71
CA PRO C 34 -7.83 10.05 -18.85
C PRO C 34 -8.37 10.60 -17.55
N VAL C 35 -8.17 11.89 -17.33
CA VAL C 35 -8.76 12.57 -16.19
C VAL C 35 -10.28 12.45 -16.28
N ASP C 36 -10.90 11.90 -15.24
CA ASP C 36 -12.36 11.78 -15.21
C ASP C 36 -12.93 12.92 -14.36
N ALA C 37 -13.32 14.00 -15.03
CA ALA C 37 -13.76 15.22 -14.37
C ALA C 37 -14.98 15.00 -13.46
N VAL C 38 -15.82 14.04 -13.83
CA VAL C 38 -16.99 13.75 -13.02
C VAL C 38 -16.59 13.07 -11.71
N LYS C 39 -15.90 11.94 -11.81
CA LYS C 39 -15.54 11.16 -10.63
C LYS C 39 -14.58 11.92 -9.72
N LEU C 40 -13.78 12.81 -10.29
CA LEU C 40 -12.86 13.61 -9.50
C LEU C 40 -13.54 14.88 -9.00
N GLY C 41 -14.75 15.15 -9.48
CA GLY C 41 -15.47 16.35 -9.10
C GLY C 41 -14.74 17.61 -9.53
N LEU C 42 -14.40 17.67 -10.81
CA LEU C 42 -13.72 18.83 -11.40
C LEU C 42 -14.57 19.40 -12.52
N PRO C 43 -15.68 20.07 -12.16
CA PRO C 43 -16.66 20.63 -13.10
C PRO C 43 -16.03 21.49 -14.19
N ASP C 44 -14.95 22.19 -13.86
CA ASP C 44 -14.33 23.13 -14.79
C ASP C 44 -13.18 22.53 -15.61
N TYR C 45 -12.82 21.28 -15.35
CA TYR C 45 -11.67 20.68 -16.04
C TYR C 45 -11.70 20.86 -17.56
N HIS C 46 -12.80 20.48 -18.19
CA HIS C 46 -12.84 20.54 -19.65
C HIS C 46 -13.17 21.92 -20.18
N LYS C 47 -13.46 22.86 -19.28
CA LYS C 47 -13.60 24.26 -19.68
C LYS C 47 -12.21 24.91 -19.81
N ILE C 48 -11.28 24.44 -18.98
CA ILE C 48 -9.93 24.99 -18.94
C ILE C 48 -8.99 24.23 -19.88
N ILE C 49 -9.06 22.90 -19.83
CA ILE C 49 -8.18 22.05 -20.64
C ILE C 49 -8.89 21.60 -21.94
N LYS C 50 -8.36 22.02 -23.09
CA LYS C 50 -9.06 21.79 -24.35
C LYS C 50 -8.70 20.46 -25.03
N GLN C 51 -7.50 19.96 -24.73
N GLN C 51 -7.53 19.94 -24.69
CA GLN C 51 -7.01 18.73 -25.34
CA GLN C 51 -7.01 18.74 -25.35
C GLN C 51 -6.46 17.79 -24.29
C GLN C 51 -6.45 17.77 -24.32
N PRO C 52 -7.33 17.00 -23.66
CA PRO C 52 -6.90 16.04 -22.64
C PRO C 52 -5.97 14.99 -23.22
N MET C 53 -5.06 14.48 -22.39
CA MET C 53 -4.13 13.43 -22.82
C MET C 53 -3.62 12.73 -21.57
N ASP C 54 -3.25 11.46 -21.72
CA ASP C 54 -2.80 10.65 -20.60
C ASP C 54 -1.95 9.51 -21.14
N MET C 55 -1.19 8.84 -20.27
CA MET C 55 -0.28 7.80 -20.71
C MET C 55 -0.98 6.52 -21.15
N GLY C 56 -2.18 6.27 -20.63
CA GLY C 56 -2.99 5.14 -21.09
C GLY C 56 -3.27 5.24 -22.58
N THR C 57 -3.76 6.40 -22.98
CA THR C 57 -4.01 6.70 -24.39
C THR C 57 -2.74 6.63 -25.22
N ILE C 58 -1.65 7.23 -24.75
CA ILE C 58 -0.38 7.15 -25.45
C ILE C 58 0.12 5.71 -25.61
N LYS C 59 0.02 4.95 -24.53
CA LYS C 59 0.52 3.57 -24.55
C LYS C 59 -0.28 2.74 -25.56
N ARG C 60 -1.58 2.92 -25.56
CA ARG C 60 -2.44 2.23 -26.52
C ARG C 60 -2.08 2.62 -27.95
N ARG C 61 -1.81 3.91 -28.17
CA ARG C 61 -1.47 4.36 -29.50
C ARG C 61 -0.14 3.76 -29.95
N LEU C 62 0.81 3.63 -29.03
CA LEU C 62 2.09 3.02 -29.37
C LEU C 62 1.88 1.55 -29.74
N GLU C 63 1.08 0.86 -28.94
CA GLU C 63 0.81 -0.56 -29.16
C GLU C 63 0.13 -0.79 -30.51
N ASN C 64 -0.76 0.14 -30.86
CA ASN C 64 -1.56 -0.01 -32.09
C ASN C 64 -1.01 0.70 -33.33
N ASN C 65 0.22 1.18 -33.28
CA ASN C 65 0.86 1.76 -34.46
C ASN C 65 0.18 3.04 -34.95
N TYR C 66 -0.50 3.72 -34.04
CA TYR C 66 -1.22 4.95 -34.36
C TYR C 66 -0.35 6.10 -34.89
N TYR C 67 0.84 6.28 -34.30
CA TYR C 67 1.71 7.40 -34.68
C TYR C 67 2.45 7.17 -35.98
N TRP C 68 2.69 8.25 -36.73
CA TRP C 68 3.55 8.22 -37.90
C TRP C 68 4.97 8.67 -37.62
N ALA C 69 5.10 9.64 -36.70
CA ALA C 69 6.40 10.20 -36.39
C ALA C 69 6.57 10.29 -34.87
N ALA C 70 7.81 10.10 -34.42
CA ALA C 70 8.14 10.22 -33.00
C ALA C 70 7.64 11.55 -32.43
N SER C 71 7.66 12.59 -33.26
CA SER C 71 7.25 13.92 -32.81
C SER C 71 5.79 13.96 -32.33
N GLU C 72 4.90 13.21 -32.97
CA GLU C 72 3.51 13.18 -32.56
C GLU C 72 3.34 12.61 -31.15
N CYS C 73 4.07 11.54 -30.89
CA CYS C 73 4.04 10.89 -29.59
C CYS C 73 4.63 11.83 -28.53
N MET C 74 5.75 12.46 -28.88
CA MET C 74 6.38 13.41 -27.98
C MET C 74 5.45 14.57 -27.65
N GLN C 75 4.70 15.06 -28.65
CA GLN C 75 3.75 16.13 -28.38
C GLN C 75 2.63 15.67 -27.45
N ASP C 76 2.22 14.40 -27.55
CA ASP C 76 1.16 13.92 -26.67
C ASP C 76 1.65 13.90 -25.22
N PHE C 77 2.86 13.39 -25.01
CA PHE C 77 3.46 13.48 -23.68
C PHE C 77 3.50 14.93 -23.19
N ASN C 78 3.95 15.82 -24.06
CA ASN C 78 4.03 17.22 -23.70
C ASN C 78 2.68 17.81 -23.30
N THR C 79 1.63 17.51 -24.06
CA THR C 79 0.30 18.01 -23.77
C THR C 79 -0.18 17.51 -22.41
N MET C 80 0.04 16.22 -22.16
CA MET C 80 -0.32 15.62 -20.89
C MET C 80 0.28 16.38 -19.71
N PHE C 81 1.59 16.62 -19.77
CA PHE C 81 2.26 17.33 -18.67
C PHE C 81 1.79 18.78 -18.56
N THR C 82 1.72 19.46 -19.70
CA THR C 82 1.30 20.87 -19.74
C THR C 82 -0.10 21.05 -19.15
N ASN C 83 -1.05 20.18 -19.53
CA ASN C 83 -2.41 20.26 -18.99
C ASN C 83 -2.35 20.24 -17.46
N CYS C 84 -1.51 19.38 -16.93
CA CYS C 84 -1.38 19.20 -15.51
C CYS C 84 -0.89 20.50 -14.86
N TYR C 85 0.11 21.13 -15.48
CA TYR C 85 0.67 22.35 -14.90
C TYR C 85 -0.33 23.49 -14.99
N ILE C 86 -1.09 23.54 -16.07
CA ILE C 86 -2.02 24.63 -16.29
C ILE C 86 -3.22 24.55 -15.37
N TYR C 87 -3.76 23.35 -15.21
CA TYR C 87 -4.98 23.21 -14.43
C TYR C 87 -4.77 23.25 -12.92
N ASN C 88 -3.68 22.67 -12.44
CA ASN C 88 -3.51 22.47 -11.00
C ASN C 88 -2.83 23.64 -10.28
N LYS C 89 -2.96 23.68 -8.97
CA LYS C 89 -2.28 24.71 -8.18
C LYS C 89 -0.80 24.40 -8.09
N PRO C 90 0.04 25.45 -8.03
CA PRO C 90 1.48 25.20 -7.98
C PRO C 90 1.87 24.26 -6.84
N THR C 91 1.11 24.31 -5.75
CA THR C 91 1.39 23.51 -4.56
C THR C 91 0.87 22.07 -4.59
N ASP C 92 -0.04 21.76 -5.51
CA ASP C 92 -0.60 20.41 -5.62
C ASP C 92 0.49 19.36 -5.86
N ASP C 93 0.37 18.19 -5.24
CA ASP C 93 1.40 17.16 -5.37
C ASP C 93 1.53 16.63 -6.80
N ILE C 94 0.42 16.67 -7.55
CA ILE C 94 0.41 16.18 -8.92
C ILE C 94 1.43 16.97 -9.76
N VAL C 95 1.65 18.23 -9.40
CA VAL C 95 2.61 19.07 -10.14
C VAL C 95 4.04 18.53 -10.00
N LEU C 96 4.44 18.22 -8.77
CA LEU C 96 5.76 17.64 -8.55
C LEU C 96 5.88 16.27 -9.20
N MET C 97 4.79 15.51 -9.20
CA MET C 97 4.77 14.23 -9.87
C MET C 97 5.02 14.40 -11.38
N ALA C 98 4.32 15.34 -12.00
CA ALA C 98 4.53 15.61 -13.42
C ALA C 98 5.96 16.05 -13.71
N GLN C 99 6.48 16.98 -12.91
CA GLN C 99 7.85 17.48 -13.12
C GLN C 99 8.85 16.36 -13.11
N THR C 100 8.68 15.44 -12.16
CA THR C 100 9.56 14.30 -12.05
C THR C 100 9.52 13.40 -13.28
N LEU C 101 8.31 13.05 -13.71
CA LEU C 101 8.12 12.21 -14.87
C LEU C 101 8.62 12.91 -16.14
N GLU C 102 8.31 14.19 -16.24
CA GLU C 102 8.68 14.98 -17.42
C GLU C 102 10.21 15.02 -17.60
N LYS C 103 10.94 15.16 -16.51
CA LYS C 103 12.40 15.20 -16.59
C LYS C 103 12.96 13.86 -17.09
N ILE C 104 12.39 12.75 -16.63
CA ILE C 104 12.79 11.44 -17.15
C ILE C 104 12.48 11.33 -18.64
N PHE C 105 11.29 11.80 -19.02
CA PHE C 105 10.87 11.74 -20.41
C PHE C 105 11.89 12.43 -21.31
N LEU C 106 12.26 13.67 -20.95
CA LEU C 106 13.21 14.44 -21.75
C LEU C 106 14.60 13.81 -21.77
N GLN C 107 15.04 13.29 -20.63
CA GLN C 107 16.34 12.63 -20.57
C GLN C 107 16.36 11.46 -21.57
N LYS C 108 15.31 10.65 -21.55
CA LYS C 108 15.28 9.49 -22.44
C LYS C 108 15.17 9.92 -23.90
N VAL C 109 14.40 10.96 -24.15
CA VAL C 109 14.24 11.44 -25.52
C VAL C 109 15.57 11.87 -26.11
N ALA C 110 16.44 12.42 -25.28
CA ALA C 110 17.75 12.91 -25.72
C ALA C 110 18.60 11.78 -26.32
N SER C 111 18.37 10.55 -25.86
CA SER C 111 19.15 9.41 -26.33
C SER C 111 18.40 8.58 -27.36
N MET C 112 17.33 9.14 -27.91
CA MET C 112 16.53 8.46 -28.92
C MET C 112 17.31 8.39 -30.24
N PRO C 113 17.02 7.38 -31.08
CA PRO C 113 17.59 7.31 -32.43
C PRO C 113 17.00 8.39 -33.35
#